data_4JW2
#
_entry.id   4JW2
#
_cell.length_a   87.760
_cell.length_b   87.760
_cell.length_c   77.980
_cell.angle_alpha   90.00
_cell.angle_beta   90.00
_cell.angle_gamma   90.00
#
_symmetry.space_group_name_H-M   'P 43 21 2'
#
loop_
_entity.id
_entity.type
_entity.pdbx_description
1 polymer 'A3 artificial protein'
2 polymer 'bA3-2: binder of A3 protein'
3 non-polymer 1,2-ETHANEDIOL
4 water water
#
loop_
_entity_poly.entity_id
_entity_poly.type
_entity_poly.pdbx_seq_one_letter_code
_entity_poly.pdbx_strand_id
1 'polypeptide(L)'
;MRGSHHHHHHTDPEKVEMYIKNLQDDSSVVRKAAAVALGEIGDERAVEPLIKALKDEDQFVRIAAAWALGKIGGERVRAA
MEKLAETGTGFARKVAVNYLETHKSLIS
;
A
2 'polypeptide(L)'
;MRGSHHHHHHTDPEKVEMYIKNLQDDSYYVRRAAAYALGKIGDERAVEPLIKALKDEDAWVRRAAADALGQIGDERAVEP
LIKALKDEDGWVRQSAAVALGQIGDERAVEPLIKALKDEDWFVRIAAAFALGEIGDERAVEPLIKALKDEDGWVRQSAAD
ALGEIGGERVRAAMEKLAETGTGFARKVAVNYLETHKSLIS
;
B
#
loop_
_chem_comp.id
_chem_comp.type
_chem_comp.name
_chem_comp.formula
EDO non-polymer 1,2-ETHANEDIOL 'C2 H6 O2'
#
# COMPACT_ATOMS: atom_id res chain seq x y z
N PRO A 13 17.73 -13.79 11.12
CA PRO A 13 16.91 -14.56 12.06
C PRO A 13 16.44 -15.89 11.48
N GLU A 14 16.82 -16.17 10.21
CA GLU A 14 16.46 -17.36 9.43
C GLU A 14 14.93 -17.50 9.16
N LYS A 15 14.22 -16.38 9.33
CA LYS A 15 12.78 -16.25 9.07
C LYS A 15 12.56 -15.90 7.59
N VAL A 16 13.64 -15.79 6.79
CA VAL A 16 13.56 -15.49 5.36
C VAL A 16 12.78 -16.53 4.57
N GLU A 17 12.89 -17.82 4.96
CA GLU A 17 12.17 -18.92 4.32
C GLU A 17 10.68 -18.88 4.65
N MET A 18 10.31 -18.31 5.81
CA MET A 18 8.92 -18.10 6.24
C MET A 18 8.28 -17.01 5.36
N TYR A 19 9.00 -15.88 5.12
CA TYR A 19 8.49 -14.80 4.25
C TYR A 19 8.48 -15.22 2.79
N ILE A 20 9.42 -16.10 2.38
CA ILE A 20 9.44 -16.61 1.00
C ILE A 20 8.16 -17.45 0.82
N LYS A 21 7.74 -18.15 1.89
CA LYS A 21 6.53 -18.98 1.91
C LYS A 21 5.31 -18.06 1.85
N ASN A 22 5.30 -16.99 2.67
CA ASN A 22 4.23 -15.98 2.71
C ASN A 22 3.95 -15.30 1.37
N LEU A 23 4.90 -15.34 0.41
CA LEU A 23 4.72 -14.78 -0.95
C LEU A 23 3.68 -15.57 -1.76
N GLN A 24 3.10 -16.60 -1.12
CA GLN A 24 2.06 -17.49 -1.68
C GLN A 24 0.79 -17.47 -0.84
N ASP A 25 0.77 -16.66 0.23
CA ASP A 25 -0.40 -16.53 1.12
C ASP A 25 -1.62 -15.99 0.38
N ASP A 26 -2.83 -16.46 0.75
CA ASP A 26 -4.04 -15.99 0.05
C ASP A 26 -4.36 -14.51 0.33
N SER A 27 -3.85 -13.98 1.45
CA SER A 27 -4.02 -12.59 1.88
C SER A 27 -2.97 -11.73 1.17
N SER A 28 -3.44 -10.87 0.21
CA SER A 28 -2.59 -9.98 -0.59
CA SER A 28 -2.57 -10.00 -0.59
C SER A 28 -1.71 -9.12 0.28
N VAL A 29 -2.26 -8.66 1.43
CA VAL A 29 -1.50 -7.82 2.37
C VAL A 29 -0.38 -8.63 3.08
N VAL A 30 -0.55 -9.96 3.24
CA VAL A 30 0.47 -10.84 3.83
C VAL A 30 1.62 -11.04 2.83
N ARG A 31 1.27 -11.24 1.54
CA ARG A 31 2.24 -11.38 0.45
C ARG A 31 2.99 -10.07 0.25
N LYS A 32 2.30 -8.90 0.42
CA LYS A 32 2.93 -7.58 0.25
C LYS A 32 3.94 -7.41 1.38
N ALA A 33 3.51 -7.72 2.61
CA ALA A 33 4.31 -7.63 3.85
C ALA A 33 5.55 -8.53 3.82
N ALA A 34 5.41 -9.72 3.21
CA ALA A 34 6.50 -10.68 2.98
C ALA A 34 7.56 -10.07 2.05
N ALA A 35 7.13 -9.43 0.93
CA ALA A 35 8.04 -8.79 -0.01
C ALA A 35 8.80 -7.64 0.65
N VAL A 36 8.13 -6.81 1.47
CA VAL A 36 8.74 -5.70 2.19
C VAL A 36 9.76 -6.23 3.22
N ALA A 37 9.37 -7.27 4.01
CA ALA A 37 10.20 -7.91 5.03
C ALA A 37 11.49 -8.41 4.39
N LEU A 38 11.38 -9.10 3.25
CA LEU A 38 12.50 -9.61 2.47
C LEU A 38 13.42 -8.49 1.90
N GLY A 39 12.84 -7.35 1.58
CA GLY A 39 13.61 -6.18 1.15
C GLY A 39 14.41 -5.59 2.29
N GLU A 40 13.86 -5.67 3.51
CA GLU A 40 14.47 -5.17 4.74
C GLU A 40 15.52 -6.13 5.30
N ILE A 41 15.45 -7.43 4.92
CA ILE A 41 16.46 -8.42 5.31
C ILE A 41 17.72 -8.13 4.49
N GLY A 42 17.57 -8.09 3.16
CA GLY A 42 18.66 -7.84 2.23
C GLY A 42 19.39 -9.08 1.73
N ASP A 43 18.75 -10.27 1.91
CA ASP A 43 19.28 -11.60 1.53
C ASP A 43 19.03 -11.95 0.05
N GLU A 44 20.06 -12.52 -0.62
CA GLU A 44 20.01 -12.92 -2.04
C GLU A 44 19.08 -14.11 -2.32
N ARG A 45 18.77 -14.94 -1.30
CA ARG A 45 17.87 -16.09 -1.42
C ARG A 45 16.49 -15.64 -1.89
N ALA A 46 16.06 -14.44 -1.43
CA ALA A 46 14.78 -13.81 -1.75
C ALA A 46 14.68 -13.35 -3.21
N VAL A 47 15.80 -13.18 -3.93
CA VAL A 47 15.83 -12.68 -5.31
C VAL A 47 14.92 -13.40 -6.32
N GLU A 48 15.07 -14.73 -6.48
CA GLU A 48 14.22 -15.49 -7.42
C GLU A 48 12.74 -15.50 -7.02
N PRO A 49 12.39 -15.76 -5.74
CA PRO A 49 10.98 -15.62 -5.32
C PRO A 49 10.39 -14.21 -5.54
N LEU A 50 11.19 -13.13 -5.26
CA LEU A 50 10.70 -11.76 -5.47
C LEU A 50 10.51 -11.41 -6.93
N ILE A 51 11.38 -11.92 -7.84
CA ILE A 51 11.25 -11.66 -9.29
C ILE A 51 9.93 -12.30 -9.77
N LYS A 52 9.58 -13.47 -9.18
CA LYS A 52 8.34 -14.17 -9.50
C LYS A 52 7.14 -13.30 -9.04
N ALA A 53 7.25 -12.70 -7.82
CA ALA A 53 6.24 -11.83 -7.23
C ALA A 53 5.93 -10.53 -8.03
N LEU A 54 6.74 -10.22 -9.06
CA LEU A 54 6.54 -9.05 -9.94
C LEU A 54 5.39 -9.31 -10.91
N LYS A 55 4.91 -10.57 -10.96
CA LYS A 55 3.81 -11.02 -11.79
C LYS A 55 2.55 -11.22 -10.92
N ASP A 56 2.64 -10.95 -9.60
CA ASP A 56 1.49 -11.12 -8.70
C ASP A 56 0.28 -10.34 -9.22
N GLU A 57 -0.92 -10.88 -8.96
CA GLU A 57 -2.17 -10.30 -9.44
C GLU A 57 -2.43 -8.91 -8.80
N ASP A 58 -1.98 -8.75 -7.56
CA ASP A 58 -2.13 -7.51 -6.79
C ASP A 58 -1.00 -6.51 -7.04
N GLN A 59 -1.39 -5.29 -7.43
CA GLN A 59 -0.56 -4.10 -7.70
C GLN A 59 0.46 -3.88 -6.56
N PHE A 60 -0.02 -3.87 -5.30
CA PHE A 60 0.81 -3.61 -4.12
C PHE A 60 1.88 -4.64 -3.79
N VAL A 61 1.61 -5.93 -4.11
CA VAL A 61 2.62 -6.99 -3.97
C VAL A 61 3.72 -6.74 -5.02
N ARG A 62 3.33 -6.42 -6.26
CA ARG A 62 4.29 -6.11 -7.32
C ARG A 62 5.21 -4.92 -6.94
N ILE A 63 4.62 -3.87 -6.34
CA ILE A 63 5.32 -2.65 -5.92
C ILE A 63 6.27 -3.01 -4.81
N ALA A 64 5.81 -3.81 -3.84
CA ALA A 64 6.65 -4.24 -2.71
C ALA A 64 7.83 -5.10 -3.20
N ALA A 65 7.58 -6.00 -4.17
CA ALA A 65 8.64 -6.83 -4.77
C ALA A 65 9.68 -6.01 -5.58
N ALA A 66 9.25 -4.98 -6.35
CA ALA A 66 10.17 -4.10 -7.11
C ALA A 66 11.03 -3.31 -6.12
N TRP A 67 10.40 -2.82 -5.02
CA TRP A 67 11.06 -2.08 -3.95
C TRP A 67 12.08 -2.94 -3.22
N ALA A 68 11.70 -4.17 -2.87
CA ALA A 68 12.56 -5.13 -2.18
C ALA A 68 13.75 -5.53 -3.02
N LEU A 69 13.54 -5.77 -4.32
CA LEU A 69 14.61 -6.13 -5.25
C LEU A 69 15.65 -4.97 -5.37
N GLY A 70 15.14 -3.73 -5.41
CA GLY A 70 15.96 -2.51 -5.41
C GLY A 70 16.82 -2.44 -4.16
N LYS A 71 16.21 -2.67 -2.98
CA LYS A 71 16.93 -2.66 -1.68
C LYS A 71 17.99 -3.74 -1.57
N ILE A 72 17.68 -4.95 -2.07
CA ILE A 72 18.61 -6.09 -2.08
C ILE A 72 19.79 -5.82 -3.05
N GLY A 73 19.48 -5.36 -4.25
CA GLY A 73 20.45 -4.99 -5.28
C GLY A 73 21.40 -3.89 -4.84
N GLY A 74 20.87 -2.91 -4.13
CA GLY A 74 21.67 -1.80 -3.59
C GLY A 74 22.66 -2.29 -2.55
N GLU A 75 22.19 -3.18 -1.67
CA GLU A 75 22.99 -3.80 -0.61
C GLU A 75 24.11 -4.67 -1.21
N ARG A 76 23.79 -5.45 -2.27
CA ARG A 76 24.74 -6.27 -3.02
C ARG A 76 25.82 -5.37 -3.64
N VAL A 77 25.43 -4.28 -4.34
CA VAL A 77 26.37 -3.34 -4.96
C VAL A 77 27.21 -2.66 -3.86
N ARG A 78 26.57 -2.20 -2.79
CA ARG A 78 27.27 -1.53 -1.69
C ARG A 78 28.35 -2.42 -1.04
N ALA A 79 28.00 -3.69 -0.69
CA ALA A 79 28.92 -4.63 -0.06
C ALA A 79 30.09 -4.97 -0.97
N ALA A 80 29.83 -5.11 -2.29
CA ALA A 80 30.89 -5.39 -3.27
C ALA A 80 31.82 -4.18 -3.42
N MET A 81 31.27 -2.95 -3.43
CA MET A 81 32.10 -1.75 -3.55
C MET A 81 32.91 -1.48 -2.28
N GLU A 82 32.35 -1.86 -1.11
CA GLU A 82 32.92 -1.74 0.24
C GLU A 82 34.20 -2.59 0.35
N LYS A 83 34.13 -3.84 -0.15
CA LYS A 83 35.21 -4.83 -0.22
C LYS A 83 36.37 -4.23 -1.04
N LEU A 84 36.05 -3.67 -2.23
CA LEU A 84 36.99 -2.98 -3.12
C LEU A 84 37.67 -1.78 -2.44
N ALA A 85 36.90 -0.95 -1.72
CA ALA A 85 37.40 0.22 -1.00
C ALA A 85 37.78 -0.16 0.43
N HIS B 7 -9.31 -29.04 5.40
CA HIS B 7 -10.35 -28.53 6.28
C HIS B 7 -10.55 -27.02 6.14
N HIS B 8 -11.83 -26.61 6.08
CA HIS B 8 -12.25 -25.21 5.99
C HIS B 8 -12.99 -24.88 7.25
N HIS B 9 -12.75 -23.67 7.79
CA HIS B 9 -13.26 -23.30 9.10
C HIS B 9 -14.29 -22.19 9.12
N HIS B 10 -15.10 -22.16 10.16
CA HIS B 10 -16.08 -21.13 10.43
C HIS B 10 -15.37 -19.95 11.11
N THR B 11 -16.02 -18.78 11.18
CA THR B 11 -15.51 -17.64 11.95
C THR B 11 -15.59 -18.08 13.42
N ASP B 12 -14.43 -18.17 14.06
CA ASP B 12 -14.25 -18.67 15.43
C ASP B 12 -14.01 -17.54 16.44
N PRO B 13 -14.98 -17.24 17.35
CA PRO B 13 -14.76 -16.15 18.32
C PRO B 13 -13.62 -16.39 19.29
N GLU B 14 -13.32 -17.66 19.58
CA GLU B 14 -12.21 -17.98 20.49
C GLU B 14 -10.88 -17.66 19.83
N LYS B 15 -10.78 -17.88 18.49
CA LYS B 15 -9.59 -17.57 17.71
C LYS B 15 -9.41 -16.04 17.65
N VAL B 16 -10.49 -15.27 17.43
CA VAL B 16 -10.41 -13.80 17.41
C VAL B 16 -10.02 -13.21 18.77
N GLU B 17 -10.56 -13.76 19.88
CA GLU B 17 -10.23 -13.29 21.24
C GLU B 17 -8.73 -13.56 21.52
N MET B 18 -8.23 -14.73 21.08
CA MET B 18 -6.82 -15.09 21.22
C MET B 18 -5.94 -14.06 20.51
N TYR B 19 -6.22 -13.78 19.23
CA TYR B 19 -5.44 -12.81 18.47
C TYR B 19 -5.60 -11.38 18.97
N ILE B 20 -6.75 -11.03 19.56
CA ILE B 20 -6.92 -9.70 20.15
C ILE B 20 -5.93 -9.52 21.31
N LYS B 21 -5.87 -10.53 22.23
CA LYS B 21 -4.99 -10.55 23.39
C LYS B 21 -3.53 -10.43 22.92
N ASN B 22 -3.15 -11.21 21.87
CA ASN B 22 -1.85 -11.25 21.21
C ASN B 22 -1.40 -9.91 20.61
N LEU B 23 -2.32 -8.92 20.49
CA LEU B 23 -1.97 -7.58 20.00
C LEU B 23 -1.24 -6.79 21.12
N GLN B 24 -1.28 -7.31 22.37
CA GLN B 24 -0.63 -6.71 23.54
C GLN B 24 0.53 -7.59 24.05
N ASP B 25 0.95 -8.56 23.24
CA ASP B 25 2.05 -9.47 23.48
C ASP B 25 3.39 -8.74 23.48
N ASP B 26 4.32 -9.13 24.37
CA ASP B 26 5.67 -8.54 24.45
C ASP B 26 6.43 -8.60 23.12
N SER B 27 6.28 -9.69 22.38
CA SER B 27 6.93 -9.93 21.10
C SER B 27 6.28 -9.17 19.93
N TYR B 28 7.10 -8.57 19.04
CA TYR B 28 6.59 -7.85 17.88
C TYR B 28 6.12 -8.80 16.77
N TYR B 29 6.77 -9.98 16.61
CA TYR B 29 6.37 -10.98 15.59
C TYR B 29 4.95 -11.50 15.87
N VAL B 30 4.60 -11.68 17.16
CA VAL B 30 3.31 -12.16 17.64
C VAL B 30 2.22 -11.08 17.44
N ARG B 31 2.57 -9.80 17.70
CA ARG B 31 1.66 -8.68 17.51
C ARG B 31 1.36 -8.51 16.00
N ARG B 32 2.38 -8.66 15.14
CA ARG B 32 2.27 -8.56 13.69
C ARG B 32 1.42 -9.69 13.13
N ALA B 33 1.70 -10.95 13.53
CA ALA B 33 0.96 -12.12 13.07
C ALA B 33 -0.53 -12.05 13.49
N ALA B 34 -0.81 -11.48 14.68
CA ALA B 34 -2.16 -11.32 15.21
C ALA B 34 -2.98 -10.34 14.34
N ALA B 35 -2.39 -9.19 13.98
CA ALA B 35 -3.04 -8.19 13.12
C ALA B 35 -3.36 -8.80 11.77
N TYR B 36 -2.43 -9.56 11.16
CA TYR B 36 -2.70 -10.23 9.87
C TYR B 36 -3.79 -11.30 9.95
N ALA B 37 -3.82 -12.08 11.05
CA ALA B 37 -4.83 -13.11 11.26
C ALA B 37 -6.17 -12.45 11.47
N LEU B 38 -6.21 -11.34 12.22
CA LEU B 38 -7.46 -10.61 12.42
C LEU B 38 -8.02 -9.98 11.13
N GLY B 39 -7.14 -9.50 10.25
CA GLY B 39 -7.55 -8.94 8.98
C GLY B 39 -8.13 -10.01 8.07
N LYS B 40 -7.54 -11.20 8.12
CA LYS B 40 -7.96 -12.38 7.36
C LYS B 40 -9.32 -12.93 7.84
N ILE B 41 -9.57 -12.87 9.16
CA ILE B 41 -10.84 -13.32 9.74
C ILE B 41 -11.94 -12.32 9.40
N GLY B 42 -11.57 -11.04 9.42
CA GLY B 42 -12.46 -9.93 9.08
C GLY B 42 -13.59 -9.67 10.05
N ASP B 43 -13.44 -10.12 11.31
CA ASP B 43 -14.46 -9.95 12.33
C ASP B 43 -14.27 -8.55 12.93
N GLU B 44 -15.34 -7.73 12.93
CA GLU B 44 -15.36 -6.33 13.42
C GLU B 44 -15.01 -6.13 14.87
N ARG B 45 -15.03 -7.22 15.69
CA ARG B 45 -14.63 -7.14 17.12
C ARG B 45 -13.19 -6.63 17.23
N ALA B 46 -12.34 -7.00 16.24
CA ALA B 46 -10.92 -6.66 16.13
C ALA B 46 -10.62 -5.19 15.81
N VAL B 47 -11.65 -4.37 15.44
CA VAL B 47 -11.48 -2.97 15.04
C VAL B 47 -10.82 -2.06 16.06
N GLU B 48 -11.45 -1.89 17.24
CA GLU B 48 -10.85 -1.04 18.28
C GLU B 48 -9.45 -1.53 18.72
N PRO B 49 -9.21 -2.84 19.01
CA PRO B 49 -7.83 -3.29 19.29
C PRO B 49 -6.85 -3.03 18.12
N LEU B 50 -7.32 -3.17 16.84
CA LEU B 50 -6.44 -2.91 15.69
C LEU B 50 -6.10 -1.43 15.59
N ILE B 51 -7.03 -0.56 15.97
CA ILE B 51 -6.83 0.89 15.99
C ILE B 51 -5.72 1.24 17.01
N LYS B 52 -5.74 0.62 18.21
CA LYS B 52 -4.72 0.84 19.24
C LYS B 52 -3.36 0.41 18.74
N ALA B 53 -3.31 -0.71 17.97
CA ALA B 53 -2.08 -1.25 17.36
C ALA B 53 -1.48 -0.34 16.27
N LEU B 54 -2.26 0.62 15.73
CA LEU B 54 -1.73 1.59 14.78
C LEU B 54 -0.73 2.52 15.48
N LYS B 55 -0.78 2.59 16.82
CA LYS B 55 0.12 3.41 17.65
C LYS B 55 1.22 2.59 18.31
N ASP B 56 1.41 1.32 17.87
CA ASP B 56 2.44 0.43 18.40
C ASP B 56 3.82 1.04 18.20
N GLU B 57 4.79 0.69 19.06
CA GLU B 57 6.15 1.19 18.98
C GLU B 57 6.83 0.72 17.70
N ASP B 58 6.60 -0.56 17.31
CA ASP B 58 7.20 -1.22 16.15
C ASP B 58 6.46 -0.94 14.84
N ALA B 59 7.18 -0.46 13.81
CA ALA B 59 6.64 -0.10 12.51
C ALA B 59 5.97 -1.27 11.78
N TRP B 60 6.46 -2.50 11.99
CA TRP B 60 5.92 -3.73 11.39
C TRP B 60 4.50 -4.02 11.86
N VAL B 61 4.22 -3.70 13.15
CA VAL B 61 2.92 -3.90 13.76
C VAL B 61 1.94 -2.83 13.26
N ARG B 62 2.41 -1.57 13.14
CA ARG B 62 1.58 -0.45 12.68
C ARG B 62 1.14 -0.73 11.25
N ARG B 63 2.07 -1.20 10.41
CA ARG B 63 1.89 -1.59 9.01
C ARG B 63 0.83 -2.67 8.92
N ALA B 64 0.94 -3.70 9.78
CA ALA B 64 0.02 -4.83 9.82
C ALA B 64 -1.36 -4.42 10.27
N ALA B 65 -1.44 -3.52 11.27
CA ALA B 65 -2.72 -3.01 11.78
C ALA B 65 -3.42 -2.19 10.72
N ALA B 66 -2.69 -1.32 9.98
CA ALA B 66 -3.28 -0.53 8.89
C ALA B 66 -3.83 -1.47 7.81
N ASP B 67 -3.02 -2.46 7.42
CA ASP B 67 -3.38 -3.46 6.43
C ASP B 67 -4.67 -4.20 6.83
N ALA B 68 -4.74 -4.71 8.06
CA ALA B 68 -5.92 -5.44 8.56
C ALA B 68 -7.14 -4.57 8.63
N LEU B 69 -6.97 -3.30 9.05
CA LEU B 69 -8.08 -2.36 9.10
C LEU B 69 -8.70 -2.06 7.72
N GLY B 70 -7.87 -2.09 6.68
CA GLY B 70 -8.32 -1.90 5.31
C GLY B 70 -9.05 -3.14 4.79
N GLN B 71 -8.62 -4.31 5.23
CA GLN B 71 -9.25 -5.61 4.91
C GLN B 71 -10.60 -5.66 5.55
N ILE B 72 -10.69 -5.19 6.80
CA ILE B 72 -11.97 -5.19 7.51
C ILE B 72 -12.95 -4.14 6.94
N GLY B 73 -12.42 -2.96 6.58
CA GLY B 73 -13.19 -1.92 5.93
C GLY B 73 -14.14 -1.14 6.81
N ASP B 74 -13.94 -1.18 8.13
CA ASP B 74 -14.82 -0.47 9.07
C ASP B 74 -14.44 1.02 9.13
N GLU B 75 -15.41 1.92 8.94
CA GLU B 75 -15.16 3.39 8.96
C GLU B 75 -14.74 4.00 10.29
N ARG B 76 -14.76 3.21 11.41
CA ARG B 76 -14.33 3.72 12.72
C ARG B 76 -12.85 3.97 12.64
N ALA B 77 -12.17 3.27 11.72
CA ALA B 77 -10.74 3.34 11.49
C ALA B 77 -10.31 4.59 10.67
N VAL B 78 -11.25 5.38 10.11
CA VAL B 78 -10.91 6.53 9.23
C VAL B 78 -9.99 7.56 9.85
N GLU B 79 -10.39 8.13 10.97
CA GLU B 79 -9.58 9.15 11.62
C GLU B 79 -8.23 8.63 12.10
N PRO B 80 -8.13 7.43 12.75
CA PRO B 80 -6.79 6.91 13.09
C PRO B 80 -5.93 6.61 11.86
N LEU B 81 -6.54 6.16 10.74
CA LEU B 81 -5.78 5.90 9.49
C LEU B 81 -5.36 7.22 8.82
N ILE B 82 -6.11 8.30 9.09
CA ILE B 82 -5.72 9.60 8.55
C ILE B 82 -4.44 10.02 9.26
N LYS B 83 -4.34 9.76 10.60
CA LYS B 83 -3.12 10.04 11.38
C LYS B 83 -1.95 9.18 10.95
N ALA B 84 -2.21 7.91 10.59
CA ALA B 84 -1.16 6.98 10.15
C ALA B 84 -0.61 7.36 8.78
N LEU B 85 -1.34 8.20 8.02
CA LEU B 85 -0.87 8.75 6.73
C LEU B 85 0.29 9.75 6.98
N LYS B 86 0.50 10.13 8.24
CA LYS B 86 1.54 11.06 8.69
C LYS B 86 2.62 10.29 9.46
N ASP B 87 2.59 8.97 9.45
CA ASP B 87 3.59 8.17 10.16
C ASP B 87 5.00 8.40 9.59
N GLU B 88 6.04 8.22 10.43
CA GLU B 88 7.44 8.37 10.02
C GLU B 88 7.84 7.25 9.06
N ASP B 89 7.18 6.07 9.18
CA ASP B 89 7.48 4.91 8.33
C ASP B 89 6.67 5.01 7.03
N GLY B 90 7.37 4.91 5.89
CA GLY B 90 6.82 4.97 4.55
C GLY B 90 5.81 3.86 4.27
N TRP B 91 6.14 2.62 4.65
CA TRP B 91 5.21 1.50 4.43
C TRP B 91 3.93 1.61 5.29
N VAL B 92 4.01 2.22 6.50
CA VAL B 92 2.82 2.50 7.31
C VAL B 92 1.93 3.47 6.50
N ARG B 93 2.54 4.56 5.91
CA ARG B 93 1.75 5.54 5.12
C ARG B 93 1.13 4.87 3.91
N GLN B 94 1.89 4.01 3.19
CA GLN B 94 1.36 3.32 1.99
C GLN B 94 0.15 2.43 2.41
N SER B 95 0.33 1.70 3.51
CA SER B 95 -0.70 0.79 4.05
C SER B 95 -1.94 1.56 4.45
N ALA B 96 -1.76 2.74 5.07
CA ALA B 96 -2.89 3.56 5.54
C ALA B 96 -3.64 4.13 4.35
N ALA B 97 -2.91 4.52 3.26
CA ALA B 97 -3.55 5.08 2.05
C ALA B 97 -4.42 4.00 1.39
N VAL B 98 -3.88 2.77 1.26
CA VAL B 98 -4.65 1.66 0.67
C VAL B 98 -5.91 1.38 1.49
N ALA B 99 -5.77 1.31 2.82
CA ALA B 99 -6.85 1.04 3.76
C ALA B 99 -7.95 2.13 3.64
N LEU B 100 -7.56 3.39 3.55
CA LEU B 100 -8.50 4.50 3.36
C LEU B 100 -9.25 4.41 2.02
N GLY B 101 -8.56 3.99 0.96
CA GLY B 101 -9.23 3.82 -0.33
C GLY B 101 -10.27 2.71 -0.25
N GLN B 102 -9.94 1.61 0.46
CA GLN B 102 -10.84 0.47 0.67
C GLN B 102 -12.09 0.87 1.47
N ILE B 103 -11.92 1.67 2.50
CA ILE B 103 -13.06 2.16 3.30
C ILE B 103 -13.96 3.09 2.45
N GLY B 104 -13.32 3.94 1.64
CA GLY B 104 -14.03 4.80 0.70
C GLY B 104 -14.72 5.99 1.33
N ASP B 105 -14.31 6.38 2.52
CA ASP B 105 -14.92 7.53 3.19
C ASP B 105 -14.23 8.83 2.68
N GLU B 106 -15.02 9.79 2.20
CA GLU B 106 -14.55 11.10 1.66
C GLU B 106 -13.73 11.98 2.61
N ARG B 107 -13.76 11.72 3.94
CA ARG B 107 -12.92 12.51 4.87
C ARG B 107 -11.44 12.28 4.56
N ALA B 108 -11.13 11.16 3.87
CA ALA B 108 -9.74 10.82 3.50
C ALA B 108 -9.23 11.56 2.25
N VAL B 109 -10.11 12.18 1.46
CA VAL B 109 -9.73 12.87 0.20
C VAL B 109 -8.61 13.89 0.34
N GLU B 110 -8.73 14.81 1.31
CA GLU B 110 -7.70 15.86 1.51
C GLU B 110 -6.40 15.32 2.09
N PRO B 111 -6.40 14.44 3.13
CA PRO B 111 -5.12 13.85 3.56
C PRO B 111 -4.48 13.00 2.44
N LEU B 112 -5.29 12.32 1.57
CA LEU B 112 -4.75 11.56 0.42
C LEU B 112 -4.16 12.47 -0.67
N ILE B 113 -4.79 13.62 -0.93
CA ILE B 113 -4.23 14.62 -1.88
C ILE B 113 -2.85 15.07 -1.36
N LYS B 114 -2.70 15.21 -0.05
CA LYS B 114 -1.38 15.55 0.50
C LYS B 114 -0.41 14.40 0.30
N ALA B 115 -0.89 13.13 0.46
CA ALA B 115 -0.02 11.96 0.31
C ALA B 115 0.43 11.73 -1.12
N LEU B 116 -0.25 12.35 -2.10
CA LEU B 116 0.18 12.28 -3.50
C LEU B 116 1.55 13.00 -3.67
N LYS B 117 1.98 13.78 -2.65
CA LYS B 117 3.22 14.52 -2.67
C LYS B 117 4.24 13.89 -1.74
N ASP B 118 3.98 12.65 -1.29
CA ASP B 118 4.90 11.95 -0.41
C ASP B 118 6.28 11.80 -1.01
N GLU B 119 7.33 11.70 -0.16
CA GLU B 119 8.72 11.50 -0.61
C GLU B 119 8.90 10.09 -1.25
N ASP B 120 8.10 9.08 -0.83
CA ASP B 120 8.18 7.70 -1.35
C ASP B 120 7.25 7.44 -2.50
N TRP B 121 7.81 7.00 -3.64
CA TRP B 121 7.06 6.67 -4.84
C TRP B 121 5.88 5.67 -4.58
N PHE B 122 6.08 4.69 -3.69
CA PHE B 122 5.12 3.64 -3.37
C PHE B 122 3.94 4.18 -2.57
N VAL B 123 4.17 5.25 -1.81
CA VAL B 123 3.10 5.92 -1.07
C VAL B 123 2.27 6.73 -2.08
N ARG B 124 2.94 7.43 -3.03
CA ARG B 124 2.23 8.25 -4.02
C ARG B 124 1.30 7.42 -4.89
N ILE B 125 1.72 6.20 -5.26
CA ILE B 125 0.86 5.30 -6.06
C ILE B 125 -0.38 4.94 -5.23
N ALA B 126 -0.16 4.58 -3.97
CA ALA B 126 -1.27 4.16 -3.12
C ALA B 126 -2.25 5.32 -2.86
N ALA B 127 -1.75 6.57 -2.78
CA ALA B 127 -2.64 7.76 -2.60
C ALA B 127 -3.46 7.97 -3.89
N ALA B 128 -2.83 7.83 -5.08
CA ALA B 128 -3.52 8.02 -6.37
C ALA B 128 -4.59 6.94 -6.51
N PHE B 129 -4.21 5.69 -6.21
CA PHE B 129 -5.16 4.58 -6.30
C PHE B 129 -6.35 4.80 -5.36
N ALA B 130 -6.09 5.18 -4.12
CA ALA B 130 -7.17 5.45 -3.15
C ALA B 130 -8.07 6.59 -3.60
N LEU B 131 -7.50 7.63 -4.22
CA LEU B 131 -8.31 8.72 -4.74
C LEU B 131 -9.19 8.27 -5.89
N GLY B 132 -8.67 7.41 -6.77
CA GLY B 132 -9.46 6.82 -7.86
C GLY B 132 -10.64 6.00 -7.36
N GLU B 133 -10.45 5.30 -6.24
CA GLU B 133 -11.49 4.48 -5.59
C GLU B 133 -12.57 5.35 -4.99
N ILE B 134 -12.17 6.42 -4.27
CA ILE B 134 -13.16 7.32 -3.66
C ILE B 134 -13.95 8.04 -4.75
N GLY B 135 -13.32 8.39 -5.87
CA GLY B 135 -13.99 9.02 -7.01
C GLY B 135 -14.37 10.48 -6.84
N ASP B 136 -13.83 11.16 -5.81
CA ASP B 136 -14.12 12.57 -5.54
C ASP B 136 -13.30 13.53 -6.45
N GLU B 137 -14.01 14.43 -7.15
CA GLU B 137 -13.52 15.45 -8.13
C GLU B 137 -12.44 16.37 -7.60
N ARG B 138 -12.41 16.60 -6.26
CA ARG B 138 -11.39 17.43 -5.64
C ARG B 138 -9.98 16.97 -5.99
N ALA B 139 -9.82 15.65 -6.27
CA ALA B 139 -8.55 15.00 -6.62
C ALA B 139 -8.02 15.28 -8.05
N VAL B 140 -8.87 15.75 -8.98
CA VAL B 140 -8.54 15.99 -10.40
C VAL B 140 -7.27 16.82 -10.67
N GLU B 141 -7.22 18.07 -10.18
CA GLU B 141 -6.05 18.93 -10.43
C GLU B 141 -4.81 18.33 -9.73
N PRO B 142 -4.90 17.86 -8.44
CA PRO B 142 -3.73 17.20 -7.84
C PRO B 142 -3.26 15.99 -8.66
N LEU B 143 -4.21 15.20 -9.24
CA LEU B 143 -3.84 14.05 -10.08
C LEU B 143 -3.22 14.48 -11.40
N ILE B 144 -3.75 15.54 -12.04
CA ILE B 144 -3.17 16.09 -13.27
C ILE B 144 -1.70 16.52 -13.00
N LYS B 145 -1.44 17.11 -11.86
CA LYS B 145 -0.09 17.48 -11.45
C LYS B 145 0.86 16.26 -11.30
N ALA B 146 0.34 15.12 -10.77
CA ALA B 146 1.09 13.88 -10.55
C ALA B 146 1.42 13.17 -11.87
N LEU B 147 0.82 13.64 -12.98
CA LEU B 147 1.15 13.16 -14.32
C LEU B 147 2.58 13.55 -14.73
N LYS B 148 3.22 14.47 -13.95
CA LYS B 148 4.59 14.96 -14.12
C LYS B 148 5.49 14.34 -13.08
N ASP B 149 5.02 13.31 -12.35
CA ASP B 149 5.86 12.67 -11.36
C ASP B 149 7.15 12.12 -11.97
N GLU B 150 8.22 12.08 -11.18
CA GLU B 150 9.50 11.54 -11.64
C GLU B 150 9.40 10.03 -11.88
N ASP B 151 8.48 9.36 -11.16
CA ASP B 151 8.26 7.92 -11.26
C ASP B 151 7.11 7.56 -12.20
N GLY B 152 7.42 6.70 -13.18
CA GLY B 152 6.48 6.24 -14.19
C GLY B 152 5.27 5.50 -13.67
N TRP B 153 5.45 4.72 -12.59
CA TRP B 153 4.34 3.96 -11.97
C TRP B 153 3.42 4.95 -11.23
N VAL B 154 4.01 6.00 -10.58
CA VAL B 154 3.20 7.09 -10.00
C VAL B 154 2.40 7.78 -11.13
N ARG B 155 3.07 8.10 -12.28
CA ARG B 155 2.41 8.75 -13.41
C ARG B 155 1.24 7.92 -13.95
N GLN B 156 1.41 6.60 -14.10
CA GLN B 156 0.33 5.74 -14.59
C GLN B 156 -0.78 5.64 -13.55
N SER B 157 -0.42 5.54 -12.26
CA SER B 157 -1.44 5.48 -11.21
C SER B 157 -2.31 6.73 -11.22
N ALA B 158 -1.73 7.92 -11.44
CA ALA B 158 -2.52 9.16 -11.48
C ALA B 158 -3.40 9.13 -12.69
N ALA B 159 -2.87 8.63 -13.84
CA ALA B 159 -3.67 8.52 -15.07
C ALA B 159 -4.84 7.53 -14.86
N ASP B 160 -4.57 6.37 -14.20
CA ASP B 160 -5.64 5.38 -13.94
C ASP B 160 -6.72 5.97 -13.03
N ALA B 161 -6.31 6.73 -12.00
CA ALA B 161 -7.27 7.37 -11.07
C ALA B 161 -8.15 8.41 -11.73
N LEU B 162 -7.60 9.17 -12.71
CA LEU B 162 -8.38 10.14 -13.49
C LEU B 162 -9.46 9.43 -14.30
N GLY B 163 -9.14 8.25 -14.83
CA GLY B 163 -10.11 7.46 -15.58
C GLY B 163 -11.26 7.01 -14.69
N GLU B 164 -10.96 6.71 -13.42
CA GLU B 164 -11.92 6.27 -12.39
C GLU B 164 -12.88 7.36 -11.96
N ILE B 165 -12.40 8.59 -11.82
CA ILE B 165 -13.21 9.71 -11.36
C ILE B 165 -14.20 10.17 -12.42
N GLY B 166 -13.72 10.32 -13.66
CA GLY B 166 -14.57 10.81 -14.75
C GLY B 166 -15.20 12.16 -14.42
N GLY B 167 -16.36 12.44 -15.01
CA GLY B 167 -17.06 13.70 -14.80
C GLY B 167 -16.58 14.87 -15.66
N GLU B 168 -17.29 16.02 -15.54
CA GLU B 168 -17.05 17.26 -16.30
C GLU B 168 -15.71 17.94 -16.02
N ARG B 169 -15.22 17.87 -14.78
CA ARG B 169 -13.94 18.48 -14.40
C ARG B 169 -12.81 17.70 -15.08
N VAL B 170 -12.87 16.35 -15.04
CA VAL B 170 -11.84 15.51 -15.70
C VAL B 170 -11.91 15.72 -17.22
N ARG B 171 -13.12 15.72 -17.81
CA ARG B 171 -13.30 15.88 -19.25
C ARG B 171 -12.69 17.19 -19.77
N ALA B 172 -13.00 18.33 -19.11
CA ALA B 172 -12.49 19.67 -19.46
C ALA B 172 -10.99 19.74 -19.27
N ALA B 173 -10.48 19.12 -18.20
CA ALA B 173 -9.03 19.09 -17.94
C ALA B 173 -8.27 18.30 -19.01
N MET B 174 -8.82 17.13 -19.45
CA MET B 174 -8.23 16.27 -20.47
C MET B 174 -8.31 16.94 -21.86
N GLU B 175 -9.45 17.62 -22.17
CA GLU B 175 -9.64 18.34 -23.44
C GLU B 175 -8.53 19.37 -23.61
N LYS B 176 -8.18 20.05 -22.52
CA LYS B 176 -7.14 21.09 -22.53
C LYS B 176 -5.73 20.51 -22.62
N LEU B 177 -5.44 19.52 -21.77
CA LEU B 177 -4.14 18.84 -21.66
C LEU B 177 -3.69 18.12 -22.94
N ALA B 178 -4.64 17.66 -23.78
CA ALA B 178 -4.34 17.02 -25.06
C ALA B 178 -3.67 18.01 -26.05
N GLU B 179 -3.87 19.34 -25.80
CA GLU B 179 -3.31 20.44 -26.59
C GLU B 179 -2.18 21.17 -25.87
N THR B 180 -2.30 21.38 -24.55
CA THR B 180 -1.31 22.12 -23.75
C THR B 180 -0.25 21.27 -23.10
N GLY B 181 -0.49 19.97 -22.99
CA GLY B 181 0.45 19.11 -22.30
C GLY B 181 1.58 18.61 -23.18
N THR B 182 2.62 18.08 -22.51
CA THR B 182 3.80 17.46 -23.09
C THR B 182 3.99 16.09 -22.44
N GLY B 183 4.79 15.25 -23.08
CA GLY B 183 5.16 13.92 -22.59
C GLY B 183 4.02 12.96 -22.32
N PHE B 184 4.10 12.29 -21.18
CA PHE B 184 3.12 11.32 -20.76
C PHE B 184 1.76 11.94 -20.50
N ALA B 185 1.72 13.13 -19.83
CA ALA B 185 0.46 13.84 -19.53
C ALA B 185 -0.36 14.09 -20.77
N ARG B 186 0.27 14.53 -21.87
CA ARG B 186 -0.43 14.78 -23.13
C ARG B 186 -1.01 13.47 -23.69
N LYS B 187 -0.23 12.36 -23.66
CA LYS B 187 -0.66 11.03 -24.14
C LYS B 187 -1.89 10.57 -23.34
N VAL B 188 -1.84 10.78 -22.00
CA VAL B 188 -2.95 10.46 -21.09
C VAL B 188 -4.23 11.13 -21.53
N ALA B 189 -4.16 12.44 -21.79
CA ALA B 189 -5.29 13.25 -22.22
C ALA B 189 -5.83 12.80 -23.58
N VAL B 190 -4.94 12.54 -24.55
CA VAL B 190 -5.32 12.08 -25.90
C VAL B 190 -6.03 10.72 -25.77
N ASN B 191 -5.42 9.77 -25.02
CA ASN B 191 -6.02 8.44 -24.82
C ASN B 191 -7.35 8.54 -24.11
N TYR B 192 -7.45 9.43 -23.09
CA TYR B 192 -8.71 9.65 -22.38
C TYR B 192 -9.78 10.10 -23.38
N LEU B 193 -9.46 11.06 -24.24
CA LEU B 193 -10.42 11.56 -25.25
C LEU B 193 -10.89 10.48 -26.28
N GLU B 194 -10.02 9.51 -26.63
CA GLU B 194 -10.34 8.41 -27.56
C GLU B 194 -11.15 7.29 -26.89
N THR B 195 -11.01 7.12 -25.56
CA THR B 195 -11.71 6.08 -24.80
C THR B 195 -12.98 6.61 -24.09
N HIS B 196 -13.35 7.89 -24.36
CA HIS B 196 -14.51 8.56 -23.77
C HIS B 196 -15.13 9.50 -24.81
C1 EDO C . -7.67 20.39 -3.08
O1 EDO C . -9.01 19.92 -2.86
C2 EDO C . -7.49 20.84 -4.54
O2 EDO C . -8.33 21.96 -4.91
C1 EDO D . 7.35 -6.62 7.51
O1 EDO D . 6.17 -7.30 7.93
C2 EDO D . 6.97 -5.72 6.36
O2 EDO D . 5.98 -4.79 6.82
C1 EDO E . 12.52 -4.27 11.66
O1 EDO E . 13.28 -5.14 10.81
C2 EDO E . 11.82 -5.10 12.73
O2 EDO E . 10.98 -4.24 13.52
#